data_4MO9
#
_entry.id   4MO9
#
_cell.length_a   39.402
_cell.length_b   75.999
_cell.length_c   125.187
_cell.angle_alpha   90.00
_cell.angle_beta   90.00
_cell.angle_gamma   90.00
#
_symmetry.space_group_name_H-M   'P 21 21 21'
#
loop_
_entity.id
_entity.type
_entity.pdbx_description
1 polymer 'Periplasmic binding protein'
2 non-polymer 'trimethylamine oxide'
3 non-polymer GLYCEROL
4 water water
#
_entity_poly.entity_id   1
_entity_poly.type   'polypeptide(L)'
_entity_poly.pdbx_seq_one_letter_code
;SNAACGGPSETKKDTAQNSKPIEITDVTGRTVTLKKPAERVVLQWSGAGGPFFTISAL(MSE)GKDTPKVIAG(MSE)DT
SLQDYRAD(MSE)WKHFTAE(MSE)PELAKIPVVGTIGDKTFNAEQVVALNPDVIFIPVDLKDQYESDAKAK(MSE)DAA
GIQTIYIDYHAEKLESHQKSIEAIGKALGKEERAAEISKFYTNRVTRVLDRVSKINKPKPTVYLEVG(MSE)NGPEEFGN
SFSGNYSWGALAT(MSE)AGADVITKDAIKKSSPINPEFVLEKNPDII(MSE)I(MSE)GSYWPKKPTS(MSE)RLGFEA
TEDSSQALLKAFTTERQGWSDLKAVENKQVYSAHHGLPREVFDAAVFEYLAKTFYPEEFKDVDPEATLKEFYDKFLPFSY
SGIWF(MSE)H(MSE)N
;
_entity_poly.pdbx_strand_id   A
#
# COMPACT_ATOMS: atom_id res chain seq x y z
N PRO A 21 2.55 -7.05 31.98
CA PRO A 21 3.32 -7.70 30.91
C PRO A 21 2.39 -8.06 29.76
N ILE A 22 2.71 -7.60 28.56
CA ILE A 22 1.84 -7.81 27.41
C ILE A 22 2.41 -8.86 26.47
N GLU A 23 1.62 -9.91 26.21
CA GLU A 23 2.09 -10.96 25.32
C GLU A 23 1.46 -10.78 23.94
N ILE A 24 2.30 -10.58 22.94
CA ILE A 24 1.86 -10.33 21.57
C ILE A 24 2.27 -11.50 20.68
N THR A 25 1.36 -11.93 19.81
CA THR A 25 1.70 -12.93 18.81
C THR A 25 1.84 -12.21 17.48
N ASP A 26 3.03 -12.28 16.88
CA ASP A 26 3.22 -11.56 15.62
C ASP A 26 2.76 -12.38 14.41
N VAL A 27 2.87 -11.80 13.22
CA VAL A 27 2.31 -12.42 12.02
C VAL A 27 2.99 -13.76 11.68
N THR A 28 4.18 -14.03 12.25
CA THR A 28 4.86 -15.29 11.95
C THR A 28 4.64 -16.32 13.05
N GLY A 29 3.91 -15.92 14.09
CA GLY A 29 3.66 -16.82 15.21
C GLY A 29 4.60 -16.64 16.38
N ARG A 30 5.46 -15.62 16.34
CA ARG A 30 6.39 -15.40 17.45
C ARG A 30 5.69 -14.79 18.66
N THR A 31 5.99 -15.35 19.82
CA THR A 31 5.48 -14.81 21.07
C THR A 31 6.43 -13.74 21.60
N VAL A 32 5.95 -12.51 21.59
CA VAL A 32 6.78 -11.36 21.95
C VAL A 32 6.21 -10.70 23.21
N THR A 33 7.06 -10.44 24.20
CA THR A 33 6.59 -9.91 25.47
C THR A 33 7.09 -8.50 25.75
N LEU A 34 6.18 -7.58 26.05
CA LEU A 34 6.55 -6.23 26.47
C LEU A 34 6.20 -6.01 27.93
N LYS A 35 7.02 -5.23 28.62
CA LYS A 35 6.79 -4.92 30.04
C LYS A 35 5.60 -3.97 30.20
N LYS A 36 5.35 -3.17 29.16
CA LYS A 36 4.31 -2.13 29.20
C LYS A 36 4.07 -1.72 27.75
N PRO A 37 3.00 -0.94 27.49
CA PRO A 37 2.74 -0.54 26.10
C PRO A 37 3.93 0.20 25.47
N ALA A 38 4.22 -0.08 24.20
CA ALA A 38 5.33 0.56 23.49
C ALA A 38 5.13 2.07 23.43
N GLU A 39 6.18 2.84 23.67
CA GLU A 39 6.08 4.28 23.51
C GLU A 39 7.35 4.88 22.93
N ARG A 40 8.26 4.00 22.50
CA ARG A 40 9.48 4.42 21.81
C ARG A 40 9.75 3.53 20.59
N VAL A 41 8.84 3.61 19.62
CA VAL A 41 8.91 2.78 18.43
C VAL A 41 9.95 3.34 17.43
N VAL A 42 10.70 2.46 16.76
CA VAL A 42 11.51 2.84 15.60
C VAL A 42 10.78 2.40 14.33
N LEU A 43 10.43 3.35 13.48
CA LEU A 43 9.70 3.06 12.25
C LEU A 43 10.60 2.56 11.13
N GLN A 44 10.05 1.65 10.31
CA GLN A 44 10.66 1.26 9.04
C GLN A 44 9.56 1.20 7.99
N TRP A 45 9.94 1.45 6.74
CA TRP A 45 9.03 1.40 5.58
C TRP A 45 7.73 2.19 5.75
N SER A 46 7.82 3.41 6.29
CA SER A 46 6.62 4.23 6.49
C SER A 46 5.92 4.53 5.16
N GLY A 47 4.61 4.29 5.13
CA GLY A 47 3.83 4.49 3.93
C GLY A 47 4.01 3.37 2.93
N ALA A 48 4.74 2.32 3.32
CA ALA A 48 5.02 1.21 2.42
C ALA A 48 4.88 -0.15 3.09
N GLY A 49 3.87 -0.30 3.94
CA GLY A 49 3.66 -1.59 4.58
C GLY A 49 4.35 -1.73 5.92
N GLY A 50 5.13 -0.72 6.31
CA GLY A 50 5.60 -0.63 7.69
C GLY A 50 4.46 -0.15 8.57
N PRO A 51 4.69 -0.01 9.88
CA PRO A 51 3.56 0.27 10.80
C PRO A 51 3.03 1.71 10.80
N PHE A 52 3.72 2.65 10.13
CA PHE A 52 3.35 4.08 10.27
C PHE A 52 1.86 4.40 10.17
N PHE A 53 1.21 3.99 9.09
CA PHE A 53 -0.21 4.31 8.92
C PHE A 53 -1.06 3.60 9.97
N THR A 54 -0.71 2.36 10.31
CA THR A 54 -1.43 1.67 11.39
C THR A 54 -1.28 2.40 12.73
N ILE A 55 -0.05 2.79 13.04
CA ILE A 55 0.20 3.50 14.30
C ILE A 55 -0.58 4.82 14.34
N SER A 56 -0.57 5.55 13.23
CA SER A 56 -1.29 6.83 13.18
C SER A 56 -2.79 6.59 13.36
N ALA A 57 -3.29 5.51 12.78
CA ALA A 57 -4.72 5.18 12.89
C ALA A 57 -5.10 4.80 14.32
N LEU A 58 -4.16 4.22 15.05
CA LEU A 58 -4.39 3.81 16.44
C LEU A 58 -4.23 4.96 17.42
N GLY A 60 -3.91 8.42 16.62
CA GLY A 60 -4.46 9.72 16.24
C GLY A 60 -3.48 10.85 16.54
N LYS A 61 -3.96 11.87 17.25
CA LYS A 61 -3.14 13.04 17.54
C LYS A 61 -1.95 12.74 18.44
N ASP A 62 -2.02 11.61 19.14
CA ASP A 62 -0.94 11.20 20.06
C ASP A 62 0.16 10.42 19.35
N THR A 63 0.06 10.31 18.03
CA THR A 63 1.05 9.56 17.25
C THR A 63 2.52 9.89 17.57
N PRO A 64 2.90 11.18 17.62
CA PRO A 64 4.33 11.44 17.87
C PRO A 64 4.81 11.00 19.25
N LYS A 65 3.89 10.86 20.20
CA LYS A 65 4.26 10.50 21.58
C LYS A 65 4.75 9.06 21.77
N VAL A 66 4.65 8.24 20.72
CA VAL A 66 5.09 6.84 20.81
C VAL A 66 6.23 6.49 19.84
N ILE A 67 6.68 7.48 19.07
CA ILE A 67 7.71 7.21 18.06
C ILE A 67 9.06 7.77 18.51
N ALA A 68 10.07 6.90 18.64
CA ALA A 68 11.41 7.32 19.04
C ALA A 68 12.33 7.58 17.84
N GLY A 69 12.06 6.88 16.73
CA GLY A 69 12.88 6.99 15.54
C GLY A 69 12.05 6.99 14.27
N ASP A 71 11.89 6.91 10.15
CA ASP A 71 12.64 6.55 8.95
C ASP A 71 12.43 7.63 7.89
N THR A 72 13.11 7.51 6.74
CA THR A 72 13.05 8.54 5.71
C THR A 72 12.26 8.10 4.48
N SER A 73 11.55 6.99 4.61
CA SER A 73 10.74 6.45 3.52
C SER A 73 9.75 7.46 2.95
N LEU A 74 8.97 8.11 3.82
CA LEU A 74 8.01 9.12 3.37
C LEU A 74 8.73 10.30 2.72
N GLN A 75 9.70 10.86 3.43
CA GLN A 75 10.47 12.00 2.92
C GLN A 75 11.08 11.75 1.53
N ASP A 76 11.58 10.54 1.31
CA ASP A 76 12.33 10.23 0.10
C ASP A 76 11.47 9.72 -1.06
N TYR A 77 10.42 8.97 -0.75
CA TYR A 77 9.68 8.26 -1.79
C TYR A 77 8.21 8.61 -1.86
N ARG A 78 7.73 9.36 -0.87
CA ARG A 78 6.34 9.78 -0.82
C ARG A 78 6.26 11.20 -0.27
N ALA A 79 7.03 12.11 -0.88
CA ALA A 79 7.21 13.44 -0.30
C ALA A 79 5.91 14.23 -0.21
N ASP A 80 4.96 13.95 -1.10
CA ASP A 80 3.70 14.68 -1.02
C ASP A 80 2.97 14.34 0.27
N TRP A 82 4.54 13.29 3.05
CA TRP A 82 5.37 13.92 4.08
C TRP A 82 5.03 15.39 4.30
N LYS A 83 4.84 16.15 3.21
CA LYS A 83 4.49 17.56 3.34
C LYS A 83 3.13 17.71 4.01
N HIS A 84 2.17 16.92 3.56
CA HIS A 84 0.80 17.02 4.05
C HIS A 84 0.75 16.68 5.54
N PHE A 85 1.40 15.57 5.90
CA PHE A 85 1.34 15.08 7.26
C PHE A 85 2.08 16.02 8.21
N THR A 86 3.25 16.50 7.80
CA THR A 86 4.04 17.39 8.66
C THR A 86 3.36 18.74 8.82
N ALA A 87 2.63 19.16 7.78
CA ALA A 87 1.90 20.42 7.85
C ALA A 87 0.86 20.36 8.97
N GLU A 88 0.22 19.20 9.10
CA GLU A 88 -0.86 19.05 10.08
C GLU A 88 -0.35 18.53 11.42
N PRO A 90 3.31 18.89 12.83
CA PRO A 90 4.71 19.30 12.66
C PRO A 90 5.70 18.57 13.56
N GLU A 91 5.22 17.97 14.65
CA GLU A 91 6.10 17.25 15.56
C GLU A 91 6.75 16.06 14.90
N LEU A 92 6.18 15.60 13.79
CA LEU A 92 6.73 14.44 13.08
C LEU A 92 8.14 14.73 12.55
N ALA A 93 8.36 15.98 12.16
CA ALA A 93 9.63 16.39 11.58
C ALA A 93 10.70 16.68 12.65
N LYS A 94 10.30 16.57 13.91
CA LYS A 94 11.21 16.79 15.04
C LYS A 94 11.74 15.47 15.62
N ILE A 95 11.17 14.34 15.21
CA ILE A 95 11.59 13.04 15.72
C ILE A 95 12.94 12.67 15.10
N PRO A 96 13.89 12.22 15.92
CA PRO A 96 15.21 11.79 15.41
C PRO A 96 15.06 10.84 14.23
N VAL A 97 15.86 11.05 13.19
CA VAL A 97 15.79 10.27 11.96
C VAL A 97 16.65 9.01 12.07
N VAL A 98 16.17 7.88 11.56
CA VAL A 98 16.99 6.65 11.51
C VAL A 98 17.12 6.15 10.06
N GLY A 99 18.17 5.37 9.80
CA GLY A 99 18.34 4.81 8.47
C GLY A 99 17.30 3.74 8.16
N THR A 100 17.39 3.14 6.99
CA THR A 100 16.50 2.06 6.60
C THR A 100 17.29 0.76 6.43
N ILE A 101 16.77 -0.33 7.00
CA ILE A 101 17.38 -1.66 6.88
C ILE A 101 17.56 -2.00 5.41
N GLY A 102 18.75 -2.47 5.03
CA GLY A 102 18.97 -2.87 3.65
C GLY A 102 19.62 -1.76 2.85
N ASP A 103 19.53 -0.54 3.37
CA ASP A 103 20.33 0.56 2.85
C ASP A 103 21.64 0.58 3.62
N LYS A 104 22.58 1.40 3.16
CA LYS A 104 23.83 1.56 3.86
C LYS A 104 23.69 2.77 4.77
N THR A 105 22.43 3.19 4.95
CA THR A 105 22.06 4.31 5.82
C THR A 105 21.66 3.84 7.22
N PHE A 106 21.38 2.55 7.37
CA PHE A 106 21.00 2.02 8.68
C PHE A 106 22.23 1.85 9.56
N ASN A 107 22.20 2.48 10.73
CA ASN A 107 23.28 2.40 11.69
C ASN A 107 22.70 1.86 12.99
N ALA A 108 23.01 0.60 13.30
CA ALA A 108 22.42 -0.06 14.46
C ALA A 108 22.71 0.67 15.78
N GLU A 109 23.95 1.15 15.93
CA GLU A 109 24.35 1.87 17.14
C GLU A 109 23.56 3.19 17.32
N GLN A 110 23.25 3.85 16.21
CA GLN A 110 22.48 5.08 16.26
C GLN A 110 21.05 4.80 16.72
N VAL A 111 20.52 3.67 16.26
CA VAL A 111 19.17 3.28 16.66
C VAL A 111 19.12 2.88 18.13
N VAL A 112 20.05 2.02 18.56
CA VAL A 112 20.16 1.59 19.96
C VAL A 112 20.26 2.81 20.88
N ALA A 113 20.90 3.86 20.40
CA ALA A 113 21.11 5.07 21.19
C ALA A 113 19.81 5.85 21.41
N LEU A 114 18.76 5.49 20.70
CA LEU A 114 17.45 6.11 20.89
C LEU A 114 16.66 5.44 22.01
N ASN A 115 17.24 4.41 22.62
CA ASN A 115 16.56 3.59 23.63
C ASN A 115 15.14 3.17 23.24
N PRO A 116 14.98 2.57 22.06
CA PRO A 116 13.63 2.23 21.63
C PRO A 116 13.14 1.00 22.37
N ASP A 117 11.84 0.73 22.34
CA ASP A 117 11.33 -0.46 22.99
C ASP A 117 10.87 -1.52 21.99
N VAL A 118 10.38 -1.08 20.83
CA VAL A 118 9.96 -2.04 19.81
C VAL A 118 10.21 -1.53 18.39
N ILE A 119 10.54 -2.45 17.50
CA ILE A 119 10.61 -2.13 16.07
C ILE A 119 9.71 -3.11 15.34
N PHE A 120 8.82 -2.59 14.49
CA PHE A 120 7.96 -3.44 13.66
C PHE A 120 8.63 -3.64 12.31
N ILE A 121 8.73 -4.90 11.89
CA ILE A 121 9.44 -5.21 10.64
C ILE A 121 8.54 -5.99 9.69
N PRO A 122 8.32 -5.46 8.48
CA PRO A 122 7.56 -6.25 7.51
C PRO A 122 8.26 -7.56 7.18
N VAL A 123 7.49 -8.63 6.97
CA VAL A 123 8.05 -9.91 6.56
C VAL A 123 8.96 -9.81 5.33
N ASP A 124 8.57 -8.97 4.37
CA ASP A 124 9.40 -8.78 3.17
C ASP A 124 10.77 -8.19 3.50
N LEU A 125 10.90 -7.63 4.70
CA LEU A 125 12.15 -7.03 5.18
C LEU A 125 12.84 -7.91 6.24
N LYS A 126 12.16 -8.99 6.66
CA LYS A 126 12.65 -9.86 7.74
C LYS A 126 14.03 -10.49 7.51
N ASP A 127 14.24 -11.08 6.32
CA ASP A 127 15.52 -11.72 6.05
C ASP A 127 16.68 -10.74 6.19
N GLN A 128 16.55 -9.57 5.58
CA GLN A 128 17.58 -8.55 5.67
C GLN A 128 17.76 -8.07 7.12
N TYR A 129 16.65 -7.86 7.81
CA TYR A 129 16.70 -7.40 9.19
C TYR A 129 17.46 -8.40 10.05
N GLU A 130 17.09 -9.68 9.94
CA GLU A 130 17.72 -10.71 10.75
C GLU A 130 19.19 -10.86 10.43
N SER A 131 19.57 -10.58 9.18
CA SER A 131 20.96 -10.72 8.78
C SER A 131 21.82 -9.55 9.26
N ASP A 132 21.25 -8.35 9.22
CA ASP A 132 22.03 -7.12 9.41
C ASP A 132 21.99 -6.51 10.82
N ALA A 133 20.86 -6.62 11.51
CA ALA A 133 20.61 -5.79 12.71
C ALA A 133 20.02 -6.51 13.92
N LYS A 134 19.20 -7.54 13.70
CA LYS A 134 18.43 -8.16 14.79
C LYS A 134 19.28 -8.61 15.97
N ALA A 135 20.45 -9.20 15.72
CA ALA A 135 21.31 -9.60 16.84
C ALA A 135 21.66 -8.38 17.69
N LYS A 136 21.87 -7.23 17.05
CA LYS A 136 22.20 -6.02 17.78
C LYS A 136 20.98 -5.46 18.53
N ASP A 138 18.46 -7.38 19.61
CA ASP A 138 18.30 -8.34 20.70
C ASP A 138 19.27 -8.03 21.86
N ALA A 139 20.54 -7.87 21.54
CA ALA A 139 21.55 -7.54 22.54
C ALA A 139 21.18 -6.30 23.37
N ALA A 140 20.49 -5.35 22.75
CA ALA A 140 20.14 -4.10 23.41
C ALA A 140 18.79 -4.18 24.15
N GLY A 141 18.10 -5.31 24.03
CA GLY A 141 16.85 -5.50 24.73
C GLY A 141 15.65 -4.92 23.98
N ILE A 142 15.82 -4.66 22.69
CA ILE A 142 14.74 -4.10 21.87
C ILE A 142 13.92 -5.24 21.26
N GLN A 143 12.59 -5.14 21.34
CA GLN A 143 11.73 -6.22 20.85
C GLN A 143 11.43 -6.07 19.37
N THR A 144 11.33 -7.20 18.68
CA THR A 144 10.97 -7.21 17.25
C THR A 144 9.56 -7.79 17.11
N ILE A 145 8.72 -7.12 16.32
CA ILE A 145 7.38 -7.63 16.01
C ILE A 145 7.20 -7.66 14.50
N TYR A 146 7.03 -8.86 13.93
CA TYR A 146 6.86 -8.95 12.46
C TYR A 146 5.42 -8.70 12.04
N ILE A 147 5.23 -7.97 10.94
CA ILE A 147 3.90 -7.70 10.41
C ILE A 147 3.95 -7.98 8.91
N ASP A 148 2.80 -8.07 8.24
CA ASP A 148 2.83 -8.47 6.84
C ASP A 148 1.57 -8.03 6.11
N TYR A 149 1.59 -6.80 5.60
CA TYR A 149 0.53 -6.34 4.72
C TYR A 149 0.81 -6.72 3.27
N HIS A 150 2.04 -7.15 2.97
CA HIS A 150 2.41 -7.42 1.57
C HIS A 150 1.80 -8.71 1.08
N ALA A 151 1.47 -9.63 2.00
CA ALA A 151 0.89 -10.91 1.60
C ALA A 151 -0.48 -10.70 0.93
N GLU A 152 -1.16 -9.63 1.35
CA GLU A 152 -2.55 -9.38 0.94
C GLU A 152 -3.44 -10.58 1.26
N LYS A 153 -3.29 -11.12 2.47
CA LYS A 153 -4.20 -12.15 2.95
C LYS A 153 -4.94 -11.57 4.14
N LEU A 154 -6.23 -11.85 4.22
CA LEU A 154 -7.06 -11.33 5.32
C LEU A 154 -6.45 -11.61 6.70
N GLU A 155 -6.10 -12.86 6.96
CA GLU A 155 -5.55 -13.22 8.27
C GLU A 155 -4.26 -12.45 8.61
N SER A 156 -3.40 -12.24 7.62
CA SER A 156 -2.16 -11.49 7.85
C SER A 156 -2.43 -10.03 8.17
N HIS A 157 -3.38 -9.42 7.48
CA HIS A 157 -3.75 -8.05 7.79
C HIS A 157 -4.36 -7.98 9.19
N GLN A 158 -5.29 -8.88 9.50
CA GLN A 158 -5.91 -8.90 10.83
C GLN A 158 -4.87 -9.08 11.93
N LYS A 159 -3.95 -10.02 11.72
CA LYS A 159 -2.99 -10.33 12.78
C LYS A 159 -2.01 -9.16 12.92
N SER A 160 -1.68 -8.52 11.80
CA SER A 160 -0.78 -7.38 11.82
C SER A 160 -1.38 -6.22 12.58
N ILE A 161 -2.62 -5.87 12.24
CA ILE A 161 -3.35 -4.81 12.94
C ILE A 161 -3.45 -5.14 14.43
N GLU A 162 -3.78 -6.39 14.74
CA GLU A 162 -3.98 -6.81 16.11
C GLU A 162 -2.67 -6.71 16.90
N ALA A 163 -1.55 -7.13 16.28
CA ALA A 163 -0.25 -7.11 16.97
C ALA A 163 0.22 -5.68 17.28
N ILE A 164 0.07 -4.78 16.31
CA ILE A 164 0.48 -3.39 16.48
C ILE A 164 -0.39 -2.72 17.55
N GLY A 165 -1.70 -2.97 17.50
CA GLY A 165 -2.59 -2.44 18.51
C GLY A 165 -2.27 -2.93 19.91
N LYS A 166 -2.02 -4.23 20.06
CA LYS A 166 -1.77 -4.77 21.39
C LYS A 166 -0.44 -4.23 21.93
N ALA A 167 0.54 -4.09 21.05
CA ALA A 167 1.83 -3.52 21.43
C ALA A 167 1.69 -2.10 21.98
N LEU A 168 0.75 -1.35 21.40
CA LEU A 168 0.53 0.04 21.77
C LEU A 168 -0.49 0.23 22.89
N GLY A 169 -1.07 -0.85 23.38
CA GLY A 169 -2.15 -0.73 24.36
C GLY A 169 -3.44 -0.17 23.78
N LYS A 170 -3.68 -0.42 22.49
CA LYS A 170 -4.88 0.06 21.82
C LYS A 170 -5.67 -1.10 21.20
N GLU A 171 -5.92 -2.15 21.98
CA GLU A 171 -6.59 -3.34 21.46
C GLU A 171 -7.98 -3.08 20.91
N GLU A 172 -8.76 -2.24 21.58
CA GLU A 172 -10.13 -1.98 21.14
C GLU A 172 -10.17 -1.25 19.80
N ARG A 173 -9.34 -0.22 19.67
CA ARG A 173 -9.30 0.55 18.41
C ARG A 173 -8.74 -0.30 17.27
N ALA A 174 -7.77 -1.15 17.60
CA ALA A 174 -7.26 -2.11 16.64
C ALA A 174 -8.41 -3.00 16.15
N ALA A 175 -9.27 -3.44 17.08
CA ALA A 175 -10.45 -4.23 16.69
C ALA A 175 -11.38 -3.47 15.72
N GLU A 176 -11.57 -2.18 15.93
CA GLU A 176 -12.40 -1.39 15.02
C GLU A 176 -11.76 -1.34 13.63
N ILE A 177 -10.45 -1.17 13.59
CA ILE A 177 -9.75 -1.04 12.31
C ILE A 177 -9.80 -2.37 11.57
N SER A 178 -9.59 -3.46 12.30
CA SER A 178 -9.65 -4.81 11.72
C SER A 178 -11.03 -5.13 11.17
N LYS A 179 -12.08 -4.72 11.88
CA LYS A 179 -13.43 -4.99 11.41
C LYS A 179 -13.78 -4.11 10.22
N PHE A 180 -13.32 -2.87 10.23
CA PHE A 180 -13.50 -1.98 9.08
C PHE A 180 -12.91 -2.63 7.84
N TYR A 181 -11.69 -3.15 7.98
CA TYR A 181 -10.97 -3.77 6.88
C TYR A 181 -11.67 -5.06 6.46
N THR A 182 -12.02 -5.86 7.45
CA THR A 182 -12.62 -7.17 7.23
C THR A 182 -14.00 -7.07 6.59
N ASN A 183 -14.86 -6.15 7.06
CA ASN A 183 -16.19 -5.96 6.47
C ASN A 183 -16.05 -5.84 4.94
N ARG A 184 -15.07 -5.06 4.52
CA ARG A 184 -14.97 -4.66 3.10
C ARG A 184 -14.30 -5.69 2.22
N VAL A 185 -13.19 -6.25 2.70
CA VAL A 185 -12.46 -7.22 1.89
C VAL A 185 -13.25 -8.52 1.75
N THR A 186 -13.94 -8.95 2.81
CA THR A 186 -14.75 -10.17 2.71
C THR A 186 -15.94 -10.03 1.79
N ARG A 187 -16.59 -8.85 1.77
CA ARG A 187 -17.68 -8.61 0.83
C ARG A 187 -17.17 -8.80 -0.60
N VAL A 188 -16.02 -8.20 -0.89
CA VAL A 188 -15.39 -8.33 -2.21
C VAL A 188 -15.04 -9.79 -2.54
N LEU A 189 -14.27 -10.43 -1.67
CA LEU A 189 -13.77 -11.77 -1.96
C LEU A 189 -14.90 -12.80 -2.04
N ASP A 190 -15.89 -12.70 -1.15
CA ASP A 190 -17.05 -13.59 -1.22
C ASP A 190 -17.81 -13.40 -2.52
N ARG A 191 -18.10 -12.16 -2.86
CA ARG A 191 -18.94 -11.90 -4.03
C ARG A 191 -18.21 -12.33 -5.30
N VAL A 192 -16.92 -12.02 -5.39
CA VAL A 192 -16.09 -12.44 -6.54
C VAL A 192 -16.13 -13.95 -6.75
N SER A 193 -16.07 -14.71 -5.64
CA SER A 193 -16.07 -16.16 -5.72
C SER A 193 -17.37 -16.72 -6.28
N LYS A 194 -18.44 -15.92 -6.20
CA LYS A 194 -19.75 -16.39 -6.67
C LYS A 194 -20.15 -15.84 -8.04
N ILE A 195 -19.31 -14.98 -8.61
CA ILE A 195 -19.50 -14.51 -9.97
C ILE A 195 -18.94 -15.54 -10.93
N ASN A 196 -19.79 -16.03 -11.84
CA ASN A 196 -19.44 -17.07 -12.80
C ASN A 196 -19.33 -16.55 -14.25
N LYS A 197 -19.56 -15.25 -14.45
CA LYS A 197 -19.40 -14.60 -15.76
C LYS A 197 -17.95 -14.68 -16.22
N PRO A 198 -17.70 -14.48 -17.53
CA PRO A 198 -16.30 -14.48 -17.97
C PRO A 198 -15.50 -13.39 -17.26
N LYS A 199 -14.23 -13.65 -16.98
CA LYS A 199 -13.36 -12.68 -16.35
C LYS A 199 -12.90 -11.68 -17.40
N PRO A 200 -12.93 -10.38 -17.06
CA PRO A 200 -12.37 -9.41 -18.00
C PRO A 200 -10.86 -9.51 -18.03
N THR A 201 -10.28 -9.40 -19.21
CA THR A 201 -8.83 -9.37 -19.37
C THR A 201 -8.36 -7.97 -19.02
N VAL A 202 -7.23 -7.88 -18.33
CA VAL A 202 -6.72 -6.59 -17.91
C VAL A 202 -5.22 -6.43 -18.14
N TYR A 203 -4.81 -5.28 -18.67
CA TYR A 203 -3.40 -4.94 -18.73
C TYR A 203 -3.09 -3.93 -17.61
N LEU A 204 -2.08 -4.26 -16.79
CA LEU A 204 -1.74 -3.45 -15.62
C LEU A 204 -0.37 -2.84 -15.81
N GLU A 205 -0.22 -1.54 -15.53
CA GLU A 205 1.09 -0.92 -15.69
C GLU A 205 1.28 0.18 -14.65
N VAL A 206 2.46 0.20 -14.02
CA VAL A 206 2.86 1.34 -13.19
C VAL A 206 3.22 2.48 -14.13
N GLY A 207 2.49 3.59 -14.07
CA GLY A 207 2.71 4.67 -15.01
C GLY A 207 3.80 5.65 -14.62
N ASN A 209 6.86 6.04 -15.80
CA ASN A 209 7.72 6.53 -16.87
C ASN A 209 6.99 7.34 -17.93
N GLY A 210 5.68 7.54 -17.75
CA GLY A 210 4.89 8.29 -18.71
C GLY A 210 4.60 7.50 -19.97
N PRO A 211 3.85 8.11 -20.91
CA PRO A 211 3.45 7.43 -22.15
C PRO A 211 4.64 6.93 -23.00
N GLU A 212 5.77 7.64 -22.96
CA GLU A 212 6.87 7.36 -23.89
C GLU A 212 7.74 6.15 -23.52
N GLU A 213 7.60 5.65 -22.29
CA GLU A 213 8.35 4.46 -21.85
C GLU A 213 7.48 3.58 -20.97
N PHE A 214 7.40 2.28 -21.27
CA PHE A 214 6.54 1.40 -20.48
C PHE A 214 7.08 1.22 -19.07
N GLY A 215 6.19 1.31 -18.09
CA GLY A 215 6.55 1.01 -16.72
C GLY A 215 6.42 -0.48 -16.51
N ASN A 216 6.63 -0.92 -15.26
CA ASN A 216 6.52 -2.34 -14.94
C ASN A 216 5.10 -2.87 -15.05
N SER A 217 4.96 -4.09 -15.57
CA SER A 217 3.69 -4.80 -15.50
C SER A 217 3.84 -5.90 -14.48
N PHE A 218 2.93 -6.86 -14.46
CA PHE A 218 2.89 -7.82 -13.34
C PHE A 218 2.54 -9.25 -13.76
N SER A 219 3.02 -10.23 -12.98
CA SER A 219 2.54 -11.61 -13.11
C SER A 219 1.16 -11.67 -12.49
N GLY A 220 0.53 -12.85 -12.48
CA GLY A 220 -0.79 -12.99 -11.89
C GLY A 220 -0.78 -13.21 -10.39
N ASN A 221 0.41 -13.37 -9.81
CA ASN A 221 0.52 -13.61 -8.37
C ASN A 221 1.47 -12.67 -7.62
N TYR A 222 1.75 -11.50 -8.19
CA TYR A 222 2.60 -10.54 -7.50
C TYR A 222 1.99 -9.14 -7.50
N SER A 223 1.89 -8.53 -6.32
CA SER A 223 1.50 -7.12 -6.18
C SER A 223 0.17 -6.85 -6.89
N TRP A 224 0.11 -5.80 -7.73
CA TRP A 224 -1.13 -5.48 -8.44
C TRP A 224 -1.69 -6.68 -9.21
N GLY A 225 -0.81 -7.52 -9.72
CA GLY A 225 -1.26 -8.70 -10.45
C GLY A 225 -1.96 -9.70 -9.54
N ALA A 226 -1.46 -9.84 -8.31
CA ALA A 226 -2.12 -10.73 -7.35
C ALA A 226 -3.48 -10.17 -6.95
N LEU A 227 -3.53 -8.86 -6.69
CA LEU A 227 -4.77 -8.22 -6.30
C LEU A 227 -5.82 -8.29 -7.41
N ALA A 228 -5.40 -8.05 -8.65
CA ALA A 228 -6.34 -8.10 -9.77
C ALA A 228 -6.92 -9.51 -9.94
N THR A 229 -6.07 -10.51 -9.79
CA THR A 229 -6.52 -11.90 -9.83
C THR A 229 -7.54 -12.23 -8.73
N ALA A 231 -9.51 -10.22 -7.31
CA ALA A 231 -10.69 -9.44 -7.58
C ALA A 231 -11.39 -9.92 -8.86
N GLY A 232 -10.94 -11.04 -9.41
CA GLY A 232 -11.69 -11.71 -10.48
C GLY A 232 -11.33 -11.31 -11.89
N ALA A 233 -10.11 -10.80 -12.11
CA ALA A 233 -9.67 -10.47 -13.46
C ALA A 233 -8.71 -11.50 -14.06
N ASP A 234 -8.64 -11.51 -15.39
CA ASP A 234 -7.64 -12.30 -16.11
C ASP A 234 -6.47 -11.38 -16.49
N VAL A 235 -5.38 -11.47 -15.74
CA VAL A 235 -4.20 -10.64 -15.98
C VAL A 235 -3.44 -11.07 -17.24
N ILE A 236 -3.51 -10.26 -18.31
CA ILE A 236 -2.98 -10.71 -19.62
C ILE A 236 -1.47 -11.02 -19.59
N THR A 237 -0.77 -10.45 -18.62
CA THR A 237 0.68 -10.63 -18.50
C THR A 237 1.08 -11.75 -17.54
N LYS A 238 0.09 -12.44 -16.96
CA LYS A 238 0.35 -13.45 -15.92
C LYS A 238 1.39 -14.52 -16.27
N ASP A 239 1.50 -14.87 -17.56
CA ASP A 239 2.45 -15.89 -18.00
C ASP A 239 3.77 -15.34 -18.54
N ALA A 240 3.76 -14.07 -18.97
CA ALA A 240 4.90 -13.49 -19.66
C ALA A 240 5.85 -12.71 -18.75
N ILE A 241 5.32 -12.21 -17.63
CA ILE A 241 6.12 -11.49 -16.65
C ILE A 241 6.28 -12.39 -15.41
N LYS A 242 7.51 -12.55 -14.93
CA LYS A 242 7.77 -13.41 -13.78
C LYS A 242 7.28 -12.80 -12.47
N LYS A 243 7.61 -11.53 -12.25
CA LYS A 243 7.26 -10.82 -11.02
C LYS A 243 6.73 -9.43 -11.36
N SER A 244 7.63 -8.49 -11.59
CA SER A 244 7.26 -7.15 -12.06
C SER A 244 8.37 -6.56 -12.93
N SER A 245 8.10 -6.50 -14.23
CA SER A 245 9.05 -5.96 -15.20
C SER A 245 8.22 -5.48 -16.37
N PRO A 246 8.80 -4.64 -17.23
CA PRO A 246 7.92 -4.15 -18.29
C PRO A 246 7.68 -5.16 -19.41
N ILE A 247 6.52 -5.07 -20.04
CA ILE A 247 6.14 -5.95 -21.14
C ILE A 247 6.54 -5.30 -22.47
N ASN A 248 6.65 -6.08 -23.54
CA ASN A 248 6.88 -5.48 -24.85
C ASN A 248 5.58 -4.86 -25.38
N PRO A 249 5.64 -3.62 -25.87
CA PRO A 249 4.48 -2.88 -26.38
C PRO A 249 3.57 -3.69 -27.32
N GLU A 250 4.18 -4.52 -28.16
CA GLU A 250 3.45 -5.32 -29.13
C GLU A 250 2.51 -6.33 -28.47
N PHE A 251 2.89 -6.80 -27.28
CA PHE A 251 2.08 -7.74 -26.51
C PHE A 251 0.69 -7.16 -26.24
N VAL A 252 0.64 -5.89 -25.83
CA VAL A 252 -0.64 -5.26 -25.50
C VAL A 252 -1.56 -5.12 -26.72
N LEU A 253 -0.99 -4.72 -27.86
CA LEU A 253 -1.77 -4.60 -29.08
C LEU A 253 -2.39 -5.94 -29.50
N GLU A 254 -1.63 -7.02 -29.37
CA GLU A 254 -2.07 -8.35 -29.78
C GLU A 254 -3.15 -8.89 -28.84
N LYS A 255 -2.97 -8.68 -27.55
CA LYS A 255 -3.93 -9.16 -26.56
C LYS A 255 -5.23 -8.37 -26.58
N ASN A 256 -5.14 -7.07 -26.89
CA ASN A 256 -6.30 -6.19 -26.93
C ASN A 256 -7.18 -6.36 -25.69
N PRO A 257 -6.66 -5.99 -24.52
CA PRO A 257 -7.35 -6.32 -23.27
C PRO A 257 -8.69 -5.58 -23.10
N ASP A 258 -9.61 -6.19 -22.35
CA ASP A 258 -10.89 -5.55 -22.05
C ASP A 258 -10.71 -4.25 -21.26
N ILE A 259 -9.71 -4.25 -20.36
CA ILE A 259 -9.50 -3.17 -19.42
C ILE A 259 -8.00 -2.83 -19.33
N ILE A 260 -7.69 -1.55 -19.20
CA ILE A 260 -6.31 -1.10 -18.96
C ILE A 260 -6.33 -0.29 -17.67
N ILE A 262 -3.60 2.07 -15.42
CA ILE A 262 -2.28 2.65 -15.28
C ILE A 262 -2.11 3.21 -13.87
N GLY A 264 -0.91 5.41 -10.76
CA GLY A 264 -0.38 6.74 -10.57
C GLY A 264 0.19 6.95 -9.18
N SER A 265 1.03 7.97 -9.04
CA SER A 265 1.61 8.29 -7.74
C SER A 265 2.29 9.65 -7.82
N TYR A 266 3.11 9.95 -6.83
CA TYR A 266 3.85 11.21 -6.83
C TYR A 266 5.27 10.97 -7.34
N TRP A 267 5.49 11.30 -8.61
CA TRP A 267 6.80 11.13 -9.27
C TRP A 267 7.23 12.43 -9.93
N PRO A 268 7.63 13.42 -9.11
CA PRO A 268 7.92 14.78 -9.61
C PRO A 268 9.09 14.86 -10.58
N LYS A 269 9.96 13.85 -10.60
CA LYS A 269 11.08 13.83 -11.54
C LYS A 269 10.65 13.31 -12.90
N LYS A 270 9.42 12.82 -12.99
CA LYS A 270 8.87 12.28 -14.23
C LYS A 270 7.64 13.10 -14.59
N PRO A 271 7.82 14.22 -15.31
CA PRO A 271 6.67 15.13 -15.48
C PRO A 271 5.50 14.56 -16.29
N THR A 272 5.73 13.54 -17.11
CA THR A 272 4.61 12.90 -17.82
C THR A 272 4.09 11.65 -17.11
N SER A 273 4.59 11.35 -15.92
CA SER A 273 4.11 10.18 -15.19
C SER A 273 2.66 10.39 -14.76
N ARG A 275 -0.14 11.01 -12.44
CA ARG A 275 -0.14 11.68 -11.14
C ARG A 275 -1.41 11.42 -10.34
N LEU A 276 -1.22 10.86 -9.14
CA LEU A 276 -2.28 10.68 -8.15
C LEU A 276 -1.72 11.05 -6.78
N GLY A 277 -2.59 11.17 -5.79
CA GLY A 277 -2.16 11.48 -4.42
C GLY A 277 -2.57 12.87 -3.97
N PHE A 278 -1.86 13.42 -3.00
CA PHE A 278 -2.21 14.74 -2.43
C PHE A 278 -1.92 15.90 -3.35
N GLU A 279 -0.99 15.71 -4.28
CA GLU A 279 -0.66 16.76 -5.24
C GLU A 279 -1.17 16.37 -6.60
N ALA A 280 -2.49 16.37 -6.74
CA ALA A 280 -3.13 15.89 -7.95
C ALA A 280 -4.44 16.63 -8.08
N THR A 281 -4.81 16.97 -9.31
CA THR A 281 -6.12 17.55 -9.56
C THR A 281 -6.84 16.69 -10.59
N GLU A 282 -8.17 16.75 -10.60
CA GLU A 282 -8.98 15.99 -11.55
C GLU A 282 -8.57 16.25 -13.00
N ASP A 283 -8.45 17.52 -13.38
CA ASP A 283 -8.11 17.88 -14.77
C ASP A 283 -6.74 17.36 -15.19
N SER A 284 -5.76 17.53 -14.32
CA SER A 284 -4.40 17.06 -14.59
C SER A 284 -4.33 15.54 -14.71
N SER A 285 -4.92 14.85 -13.74
CA SER A 285 -4.94 13.39 -13.79
C SER A 285 -5.63 12.85 -15.04
N GLN A 286 -6.69 13.52 -15.49
CA GLN A 286 -7.37 13.14 -16.73
C GLN A 286 -6.45 13.30 -17.94
N ALA A 287 -5.76 14.43 -18.00
CA ALA A 287 -4.89 14.70 -19.13
C ALA A 287 -3.69 13.75 -19.16
N LEU A 288 -3.10 13.48 -17.99
CA LEU A 288 -1.98 12.56 -17.90
C LEU A 288 -2.37 11.14 -18.33
N LEU A 289 -3.54 10.69 -17.90
CA LEU A 289 -4.05 9.36 -18.27
C LEU A 289 -4.34 9.31 -19.77
N LYS A 290 -5.06 10.30 -20.27
CA LYS A 290 -5.39 10.35 -21.70
C LYS A 290 -4.14 10.32 -22.58
N ALA A 291 -3.07 10.99 -22.13
CA ALA A 291 -1.84 11.03 -22.91
C ALA A 291 -1.24 9.65 -23.18
N PHE A 292 -1.39 8.73 -22.21
CA PHE A 292 -0.97 7.35 -22.41
C PHE A 292 -1.64 6.74 -23.65
N THR A 293 -2.92 7.02 -23.84
CA THR A 293 -3.70 6.45 -24.94
C THR A 293 -3.50 7.16 -26.28
N THR A 294 -3.05 8.41 -26.22
CA THR A 294 -2.86 9.19 -27.45
C THR A 294 -1.41 9.20 -27.96
N GLU A 295 -0.45 9.01 -27.06
CA GLU A 295 0.97 9.09 -27.46
C GLU A 295 1.53 7.72 -27.86
N ARG A 296 0.85 6.65 -27.47
CA ARG A 296 1.34 5.29 -27.72
C ARG A 296 0.80 4.68 -29.01
N GLN A 297 1.72 4.18 -29.84
CA GLN A 297 1.37 3.58 -31.12
C GLN A 297 0.27 2.53 -31.01
N GLY A 298 -0.82 2.75 -31.75
CA GLY A 298 -1.91 1.79 -31.80
C GLY A 298 -2.92 1.85 -30.66
N TRP A 299 -2.60 2.53 -29.56
CA TRP A 299 -3.49 2.53 -28.41
C TRP A 299 -4.86 3.14 -28.72
N SER A 300 -4.90 4.09 -29.64
CA SER A 300 -6.13 4.76 -30.05
C SER A 300 -7.16 3.74 -30.53
N ASP A 301 -6.64 2.64 -31.09
CA ASP A 301 -7.47 1.60 -31.71
C ASP A 301 -7.72 0.44 -30.75
N LEU A 302 -7.19 0.55 -29.54
CA LEU A 302 -7.39 -0.51 -28.55
C LEU A 302 -8.83 -0.57 -28.07
N LYS A 303 -9.36 -1.79 -27.97
CA LYS A 303 -10.68 -2.04 -27.43
C LYS A 303 -10.87 -1.31 -26.08
N ALA A 304 -9.86 -1.37 -25.22
CA ALA A 304 -9.97 -0.72 -23.92
C ALA A 304 -10.12 0.80 -24.02
N VAL A 305 -9.45 1.41 -24.99
CA VAL A 305 -9.50 2.86 -25.16
C VAL A 305 -10.83 3.27 -25.79
N GLU A 306 -11.19 2.59 -26.88
CA GLU A 306 -12.46 2.81 -27.57
C GLU A 306 -13.67 2.72 -26.64
N ASN A 307 -13.69 1.70 -25.78
CA ASN A 307 -14.83 1.47 -24.89
C ASN A 307 -14.74 2.23 -23.57
N LYS A 308 -13.74 3.09 -23.47
CA LYS A 308 -13.51 3.87 -22.25
C LYS A 308 -13.38 2.92 -21.06
N GLN A 309 -12.47 1.96 -21.17
CA GLN A 309 -12.18 1.05 -20.08
C GLN A 309 -10.75 1.24 -19.61
N VAL A 310 -10.35 2.52 -19.49
CA VAL A 310 -9.04 2.90 -19.01
C VAL A 310 -9.18 3.56 -17.63
N TYR A 311 -8.46 3.00 -16.65
CA TYR A 311 -8.59 3.38 -15.25
C TYR A 311 -7.22 3.66 -14.65
N SER A 312 -7.21 4.16 -13.42
CA SER A 312 -5.96 4.42 -12.69
C SER A 312 -6.23 4.37 -11.20
N ALA A 313 -5.35 3.70 -10.45
CA ALA A 313 -5.43 3.67 -8.99
C ALA A 313 -4.05 4.03 -8.47
N HIS A 314 -3.99 4.56 -7.24
CA HIS A 314 -2.74 5.02 -6.65
C HIS A 314 -1.83 3.85 -6.24
N HIS A 315 -0.60 3.86 -6.76
CA HIS A 315 0.40 2.80 -6.57
C HIS A 315 0.76 2.54 -5.11
N GLY A 316 0.55 3.55 -4.25
CA GLY A 316 0.98 3.44 -2.85
C GLY A 316 -0.13 3.00 -1.91
N LEU A 317 -1.29 2.65 -2.47
CA LEU A 317 -2.40 2.19 -1.65
C LEU A 317 -2.35 0.71 -1.23
N PRO A 318 -1.81 -0.19 -2.10
CA PRO A 318 -1.70 -1.59 -1.68
C PRO A 318 -0.72 -1.85 -0.52
N ARG A 319 -0.65 -3.11 -0.08
CA ARG A 319 0.17 -3.54 1.05
C ARG A 319 0.11 -2.56 2.23
N GLU A 320 -1.09 -2.11 2.55
CA GLU A 320 -1.29 -1.18 3.66
C GLU A 320 -2.59 -1.42 4.41
N VAL A 321 -2.65 -0.83 5.59
CA VAL A 321 -3.80 -0.99 6.47
C VAL A 321 -5.10 -0.51 5.82
N PHE A 322 -5.00 0.47 4.91
CA PHE A 322 -6.19 0.99 4.25
C PHE A 322 -6.45 0.39 2.85
N ASP A 323 -5.79 -0.71 2.51
CA ASP A 323 -5.87 -1.22 1.14
C ASP A 323 -7.18 -1.93 0.78
N ALA A 324 -8.11 -2.01 1.73
CA ALA A 324 -9.44 -2.54 1.44
C ALA A 324 -10.07 -1.74 0.30
N ALA A 325 -9.73 -0.46 0.22
CA ALA A 325 -10.22 0.38 -0.86
C ALA A 325 -9.73 -0.09 -2.23
N VAL A 326 -8.54 -0.69 -2.26
CA VAL A 326 -8.01 -1.18 -3.53
C VAL A 326 -8.75 -2.45 -3.95
N PHE A 327 -9.03 -3.33 -2.99
CA PHE A 327 -9.82 -4.53 -3.26
C PHE A 327 -11.17 -4.12 -3.85
N GLU A 328 -11.80 -3.12 -3.26
CA GLU A 328 -13.08 -2.63 -3.74
C GLU A 328 -12.99 -1.99 -5.13
N TYR A 329 -11.95 -1.18 -5.34
CA TYR A 329 -11.77 -0.51 -6.64
C TYR A 329 -11.58 -1.50 -7.77
N LEU A 330 -10.77 -2.53 -7.53
CA LEU A 330 -10.51 -3.51 -8.58
C LEU A 330 -11.77 -4.30 -8.90
N ALA A 331 -12.47 -4.77 -7.88
CA ALA A 331 -13.68 -5.59 -8.09
C ALA A 331 -14.80 -4.80 -8.74
N LYS A 332 -14.97 -3.55 -8.30
CA LYS A 332 -15.99 -2.65 -8.89
C LYS A 332 -15.64 -2.27 -10.33
N THR A 333 -14.34 -2.17 -10.64
CA THR A 333 -13.90 -1.83 -12.00
C THR A 333 -14.16 -3.00 -12.94
N PHE A 334 -13.81 -4.19 -12.48
CA PHE A 334 -14.00 -5.41 -13.27
C PHE A 334 -15.47 -5.81 -13.38
N TYR A 335 -16.23 -5.60 -12.31
CA TYR A 335 -17.65 -6.03 -12.28
C TYR A 335 -18.59 -4.93 -11.75
N PRO A 336 -18.78 -3.86 -12.54
CA PRO A 336 -19.49 -2.64 -12.13
C PRO A 336 -20.90 -2.87 -11.59
N GLU A 337 -21.69 -3.70 -12.28
CA GLU A 337 -23.07 -3.93 -11.90
C GLU A 337 -23.19 -4.80 -10.64
N GLU A 338 -22.16 -5.60 -10.36
CA GLU A 338 -22.19 -6.46 -9.19
C GLU A 338 -21.75 -5.72 -7.92
N PHE A 339 -21.24 -4.51 -8.10
CA PHE A 339 -20.68 -3.74 -7.00
C PHE A 339 -21.18 -2.29 -6.91
N LYS A 340 -22.47 -2.09 -7.19
CA LYS A 340 -23.07 -0.76 -7.11
C LYS A 340 -23.16 -0.28 -5.67
N ASP A 341 -23.14 -1.23 -4.74
CA ASP A 341 -23.26 -0.91 -3.32
C ASP A 341 -21.90 -0.62 -2.69
N VAL A 342 -20.86 -0.58 -3.51
CA VAL A 342 -19.51 -0.34 -3.01
C VAL A 342 -18.95 0.98 -3.57
N ASP A 343 -18.32 1.79 -2.71
CA ASP A 343 -17.73 3.06 -3.14
C ASP A 343 -16.30 3.17 -2.62
N PRO A 344 -15.33 2.81 -3.46
CA PRO A 344 -13.92 2.69 -3.04
C PRO A 344 -13.35 4.04 -2.59
N GLU A 345 -13.74 5.13 -3.24
CA GLU A 345 -13.26 6.44 -2.80
C GLU A 345 -13.80 6.77 -1.40
N ALA A 346 -15.08 6.48 -1.18
CA ALA A 346 -15.69 6.72 0.12
C ALA A 346 -15.03 5.87 1.20
N THR A 347 -14.63 4.65 0.84
CA THR A 347 -13.92 3.78 1.80
C THR A 347 -12.58 4.40 2.26
N LEU A 348 -11.80 4.90 1.31
CA LEU A 348 -10.52 5.53 1.66
C LEU A 348 -10.76 6.78 2.51
N LYS A 349 -11.66 7.64 2.04
CA LYS A 349 -12.02 8.86 2.79
C LYS A 349 -12.50 8.52 4.21
N GLU A 350 -13.32 7.49 4.32
CA GLU A 350 -13.86 7.10 5.62
C GLU A 350 -12.76 6.57 6.54
N PHE A 351 -11.78 5.86 5.98
CA PHE A 351 -10.65 5.38 6.78
C PHE A 351 -9.93 6.60 7.36
N TYR A 352 -9.68 7.60 6.53
CA TYR A 352 -9.07 8.84 7.04
C TYR A 352 -9.96 9.51 8.08
N ASP A 353 -11.23 9.76 7.74
CA ASP A 353 -12.16 10.45 8.64
C ASP A 353 -12.25 9.76 10.01
N LYS A 354 -12.35 8.43 9.99
CA LYS A 354 -12.54 7.65 11.22
C LYS A 354 -11.29 7.50 12.08
N PHE A 355 -10.13 7.27 11.46
CA PHE A 355 -8.94 6.82 12.21
C PHE A 355 -7.71 7.73 12.15
N LEU A 356 -7.49 8.39 11.01
CA LEU A 356 -6.24 9.11 10.81
C LEU A 356 -6.29 10.56 11.31
N PRO A 357 -5.17 11.03 11.87
CA PRO A 357 -5.05 12.41 12.33
C PRO A 357 -4.72 13.38 11.18
N PHE A 358 -4.72 12.87 9.94
CA PHE A 358 -4.42 13.70 8.78
C PHE A 358 -5.69 13.88 7.95
N SER A 359 -5.90 15.07 7.39
CA SER A 359 -7.12 15.33 6.62
C SER A 359 -7.09 14.62 5.27
N TYR A 360 -8.24 14.10 4.86
CA TYR A 360 -8.34 13.49 3.55
C TYR A 360 -8.42 14.56 2.45
N SER A 361 -7.69 14.34 1.36
CA SER A 361 -7.81 15.15 0.13
C SER A 361 -7.02 14.49 -1.00
N GLY A 362 -6.99 15.14 -2.17
CA GLY A 362 -6.26 14.61 -3.30
C GLY A 362 -7.08 13.65 -4.15
N ILE A 363 -6.43 12.97 -5.09
CA ILE A 363 -7.10 12.10 -6.06
C ILE A 363 -6.41 10.73 -6.07
N TRP A 364 -7.19 9.67 -5.91
CA TRP A 364 -6.61 8.35 -5.63
C TRP A 364 -7.09 7.28 -6.62
N PHE A 365 -8.15 7.60 -7.35
CA PHE A 365 -8.73 6.70 -8.33
C PHE A 365 -9.21 7.52 -9.50
N HIS A 367 -11.14 7.33 -13.67
CA HIS A 367 -11.67 6.70 -14.85
C HIS A 367 -11.53 7.71 -15.97
N ASN A 369 -12.07 9.92 -19.08
CA ASN A 369 -13.24 10.37 -19.82
C ASN A 369 -13.15 9.96 -21.28
#